data_8BXZ
#
_entry.id   8BXZ
#
_cell.length_a   34.230
_cell.length_b   39.990
_cell.length_c   42.720
_cell.angle_alpha   74.740
_cell.angle_beta   78.480
_cell.angle_gamma   69.510
#
_symmetry.space_group_name_H-M   'P 1'
#
loop_
_entity.id
_entity.type
_entity.pdbx_description
1 polymer 'Alginate lyase'
2 branched 'beta-D-mannopyranuronic acid-(1-4)-beta-D-mannopyranuronic acid-(1-4)-beta-D-mannopyranuronic acid-(1-4)-beta-D-mannopyranuronic acid-(1-4)-beta-D-mannopyranuronic acid'
3 non-polymer 'SULFATE ION'
4 water water
#
_entity_poly.entity_id   1
_entity_poly.type   'polypeptide(L)'
_entity_poly.pdbx_seq_one_letter_code
;EFLTAVSSIDTFLPVLNEAKLQWPTSALAASSEELLGGYVGSQFYLQDGKYMQFQIAGSSNRCELRQMIPDGGSEIGWAV
DDGTTHTATSSIVVPEQVDGVEEVTIMQIHSGEAPQLRISWIRSKSLDGVAYEDFIMSTVRIGTGDSSDNFVKTHLADRT
AGAMSFQIDVKDSKLTITVNGNVVVNGQDLSFWDGTDSCYFKAGAFNNNPTSESATARIKFAALAWVDHHHHHH
;
_entity_poly.pdbx_strand_id   A
#
loop_
_chem_comp.id
_chem_comp.type
_chem_comp.name
_chem_comp.formula
BEM D-saccharide, beta linking 'beta-D-mannopyranuronic acid' 'C6 H10 O7'
SO4 non-polymer 'SULFATE ION' 'O4 S -2'
#
# COMPACT_ATOMS: atom_id res chain seq x y z
N PHE A 2 -9.07 20.61 17.11
CA PHE A 2 -8.34 19.53 16.41
C PHE A 2 -9.04 19.13 15.13
N LEU A 3 -8.28 18.55 14.22
CA LEU A 3 -8.86 17.97 13.03
C LEU A 3 -9.75 16.79 13.39
N THR A 4 -10.68 16.46 12.49
CA THR A 4 -11.59 15.35 12.70
C THR A 4 -10.84 14.02 12.56
N ALA A 5 -11.07 13.12 13.52
CA ALA A 5 -10.38 11.84 13.52
C ALA A 5 -11.01 10.85 12.56
N VAL A 6 -10.16 10.02 11.97
CA VAL A 6 -10.62 8.98 11.05
C VAL A 6 -11.62 8.05 11.73
N SER A 7 -11.39 7.72 13.01
CA SER A 7 -12.27 6.81 13.72
C SER A 7 -13.62 7.41 14.10
N SER A 8 -13.88 8.68 13.79
CA SER A 8 -15.13 9.29 14.16
C SER A 8 -16.31 8.83 13.30
N ILE A 9 -16.06 8.12 12.19
CA ILE A 9 -17.10 7.51 11.38
C ILE A 9 -16.89 5.99 11.37
N ASP A 10 -17.84 5.27 10.78
CA ASP A 10 -17.79 3.81 10.79
C ASP A 10 -16.85 3.22 9.75
N THR A 11 -16.54 3.97 8.69
CA THR A 11 -16.04 3.39 7.44
C THR A 11 -14.75 2.60 7.64
N PHE A 12 -13.83 3.10 8.45
CA PHE A 12 -12.50 2.55 8.54
C PHE A 12 -12.27 1.74 9.79
N LEU A 13 -13.28 1.56 10.62
CA LEU A 13 -13.05 0.79 11.84
C LEU A 13 -12.53 -0.61 11.57
N PRO A 14 -13.01 -1.35 10.58
CA PRO A 14 -12.48 -2.71 10.40
C PRO A 14 -10.98 -2.73 10.18
N VAL A 15 -10.45 -1.87 9.33
CA VAL A 15 -9.01 -1.91 9.08
C VAL A 15 -8.24 -1.33 10.25
N LEU A 16 -8.77 -0.28 10.91
CA LEU A 16 -8.07 0.27 12.05
C LEU A 16 -7.97 -0.73 13.18
N ASN A 17 -8.94 -1.63 13.29
CA ASN A 17 -8.91 -2.72 14.27
C ASN A 17 -7.83 -3.75 13.96
N GLU A 18 -7.19 -3.67 12.80
CA GLU A 18 -6.14 -4.61 12.42
C GLU A 18 -4.95 -3.85 11.83
N ALA A 19 -4.62 -2.72 12.42
CA ALA A 19 -3.51 -1.92 11.95
C ALA A 19 -2.90 -1.11 13.08
N LYS A 20 -1.61 -0.82 12.93
CA LYS A 20 -0.93 0.23 13.65
C LYS A 20 -0.53 1.28 12.63
N LEU A 21 -0.30 2.51 13.09
CA LEU A 21 0.19 3.58 12.24
C LEU A 21 1.66 3.80 12.52
N GLN A 22 2.46 3.80 11.45
CA GLN A 22 3.87 4.17 11.48
C GLN A 22 4.01 5.57 10.88
N TRP A 23 4.56 6.50 11.65
CA TRP A 23 4.73 7.88 11.21
C TRP A 23 5.68 8.58 12.17
N PRO A 24 6.65 9.37 11.69
CA PRO A 24 6.99 9.63 10.29
C PRO A 24 7.99 8.64 9.72
N THR A 25 8.35 7.63 10.51
CA THR A 25 9.27 6.57 10.09
C THR A 25 8.56 5.23 10.34
N SER A 26 9.34 4.14 10.34
CA SER A 26 8.77 2.84 10.70
C SER A 26 8.46 2.73 12.18
N ALA A 27 8.94 3.65 13.01
CA ALA A 27 8.60 3.60 14.42
C ALA A 27 7.10 3.82 14.61
N LEU A 28 6.57 3.23 15.67
CA LEU A 28 5.14 3.27 15.96
CA LEU A 28 5.14 3.28 15.94
C LEU A 28 4.71 4.70 16.26
N ALA A 29 3.63 5.15 15.63
CA ALA A 29 2.96 6.39 15.97
C ALA A 29 1.69 6.16 16.76
N ALA A 30 0.90 5.15 16.41
CA ALA A 30 -0.36 4.89 17.10
C ALA A 30 -0.68 3.40 17.01
N SER A 31 -0.99 2.79 18.14
CA SER A 31 -1.50 1.43 18.15
C SER A 31 -2.91 1.39 17.57
N SER A 32 -3.35 0.16 17.24
CA SER A 32 -4.72 -0.04 16.79
C SER A 32 -5.72 0.60 17.74
N GLU A 33 -5.57 0.37 19.05
CA GLU A 33 -6.53 0.95 19.99
C GLU A 33 -6.49 2.48 19.96
N GLU A 34 -5.30 3.06 19.80
CA GLU A 34 -5.22 4.51 19.70
C GLU A 34 -5.89 5.01 18.43
N LEU A 35 -5.72 4.29 17.32
CA LEU A 35 -6.39 4.65 16.07
C LEU A 35 -7.90 4.60 16.21
N LEU A 36 -8.41 3.50 16.77
CA LEU A 36 -9.85 3.37 17.00
C LEU A 36 -10.35 4.39 18.01
N GLY A 37 -9.46 4.90 18.86
CA GLY A 37 -9.81 5.81 19.92
C GLY A 37 -9.51 7.26 19.57
N GLY A 38 -9.39 7.60 18.29
CA GLY A 38 -9.39 8.99 17.90
C GLY A 38 -8.05 9.63 17.62
N TYR A 39 -6.99 8.85 17.46
CA TYR A 39 -5.70 9.44 17.09
C TYR A 39 -5.87 10.28 15.84
N VAL A 40 -5.29 11.48 15.83
CA VAL A 40 -5.47 12.41 14.72
C VAL A 40 -4.32 13.41 14.69
N GLY A 41 -3.99 13.85 13.49
CA GLY A 41 -3.10 14.99 13.29
C GLY A 41 -3.14 15.33 11.82
N SER A 42 -2.37 16.36 11.43
CA SER A 42 -2.35 16.73 10.03
C SER A 42 -1.85 15.60 9.14
N GLN A 43 -1.06 14.68 9.70
CA GLN A 43 -0.56 13.54 8.95
C GLN A 43 -1.61 12.46 8.70
N PHE A 44 -2.72 12.49 9.44
CA PHE A 44 -3.65 11.36 9.46
C PHE A 44 -4.97 11.89 10.02
N TYR A 45 -5.91 12.25 9.14
CA TYR A 45 -7.17 12.83 9.58
C TYR A 45 -8.26 12.52 8.56
N LEU A 46 -9.50 12.76 8.97
CA LEU A 46 -10.67 12.52 8.14
C LEU A 46 -10.91 13.78 7.31
N GLN A 47 -10.84 13.62 5.99
CA GLN A 47 -10.83 14.72 5.05
C GLN A 47 -12.15 14.69 4.27
N ASP A 48 -12.77 15.85 4.10
CA ASP A 48 -14.06 15.99 3.42
C ASP A 48 -15.15 15.15 4.09
N GLY A 49 -15.00 14.85 5.38
CA GLY A 49 -15.98 14.03 6.08
C GLY A 49 -15.99 12.57 5.72
N LYS A 50 -15.04 12.11 4.89
CA LYS A 50 -15.16 10.75 4.37
C LYS A 50 -13.84 10.07 4.02
N TYR A 51 -12.74 10.77 3.83
CA TYR A 51 -11.50 10.11 3.41
C TYR A 51 -10.53 10.00 4.57
N MET A 52 -9.90 8.83 4.68
CA MET A 52 -8.75 8.67 5.54
C MET A 52 -7.54 9.17 4.78
N GLN A 53 -7.03 10.34 5.16
CA GLN A 53 -5.97 10.99 4.41
C GLN A 53 -4.64 10.91 5.14
N PHE A 54 -3.61 10.54 4.39
CA PHE A 54 -2.24 10.46 4.86
C PHE A 54 -1.41 11.57 4.20
N GLN A 55 -0.53 12.19 4.98
CA GLN A 55 0.42 13.19 4.45
C GLN A 55 1.79 12.94 5.04
N ILE A 56 2.83 13.09 4.21
CA ILE A 56 4.20 12.90 4.68
C ILE A 56 5.17 13.59 3.73
N ALA A 57 6.19 14.23 4.32
CA ALA A 57 7.33 14.78 3.58
C ALA A 57 8.59 14.04 4.04
N GLY A 58 9.61 14.06 3.18
CA GLY A 58 10.94 13.55 3.50
C GLY A 58 11.23 12.23 2.81
N SER A 59 12.49 12.06 2.41
CA SER A 59 12.91 10.85 1.70
C SER A 59 12.75 9.62 2.57
N SER A 60 11.95 8.67 2.10
CA SER A 60 11.70 7.40 2.76
C SER A 60 10.94 7.54 4.07
N ASN A 61 10.41 8.71 4.36
CA ASN A 61 9.49 8.85 5.47
CA ASN A 61 9.48 8.85 5.48
C ASN A 61 8.13 8.29 5.06
N ARG A 62 7.30 8.01 6.06
CA ARG A 62 6.03 7.38 5.79
C ARG A 62 4.98 7.86 6.78
N CYS A 63 3.73 7.74 6.35
CA CYS A 63 2.58 7.71 7.23
C CYS A 63 1.77 6.53 6.71
N GLU A 64 1.88 5.39 7.38
CA GLU A 64 1.41 4.15 6.82
C GLU A 64 0.79 3.27 7.88
N LEU A 65 -0.32 2.65 7.51
CA LEU A 65 -0.88 1.56 8.29
C LEU A 65 -0.14 0.27 7.99
N ARG A 66 0.09 -0.52 9.04
CA ARG A 66 0.80 -1.78 8.99
C ARG A 66 -0.11 -2.84 9.62
N GLN A 67 -0.36 -3.92 8.89
CA GLN A 67 -1.32 -4.93 9.31
C GLN A 67 -0.93 -5.60 10.63
N MET A 68 -1.89 -5.68 11.54
CA MET A 68 -1.74 -6.29 12.85
C MET A 68 -2.76 -7.41 13.03
N ILE A 69 -2.48 -8.28 13.98
CA ILE A 69 -3.48 -9.25 14.41
C ILE A 69 -4.68 -8.47 14.95
N PRO A 70 -5.91 -8.81 14.61
CA PRO A 70 -7.05 -7.97 14.99
C PRO A 70 -7.29 -7.96 16.50
N ASP A 71 -8.04 -6.95 16.93
CA ASP A 71 -8.54 -6.87 18.30
CA ASP A 71 -8.55 -6.85 18.30
C ASP A 71 -7.43 -6.72 19.32
N GLY A 72 -6.50 -5.81 19.05
CA GLY A 72 -5.45 -5.46 19.96
C GLY A 72 -4.21 -6.32 19.90
N GLY A 73 -4.06 -7.17 18.89
CA GLY A 73 -2.96 -8.09 18.81
C GLY A 73 -1.67 -7.46 18.31
N SER A 74 -0.64 -8.29 18.20
CA SER A 74 0.67 -7.83 17.79
CA SER A 74 0.67 -7.83 17.79
C SER A 74 0.83 -7.93 16.26
N GLU A 75 2.04 -7.74 15.78
CA GLU A 75 2.28 -7.75 14.35
C GLU A 75 1.96 -9.11 13.74
N ILE A 76 1.28 -9.10 12.60
CA ILE A 76 0.91 -10.32 11.88
C ILE A 76 2.01 -10.68 10.90
N GLY A 77 2.12 -11.97 10.62
CA GLY A 77 2.90 -12.48 9.52
C GLY A 77 2.16 -13.63 8.87
N TRP A 78 2.08 -13.62 7.54
CA TRP A 78 1.47 -14.73 6.81
C TRP A 78 2.34 -15.13 5.61
N ALA A 79 1.98 -16.26 5.03
CA ALA A 79 2.72 -16.86 3.93
C ALA A 79 1.94 -16.69 2.64
N VAL A 80 2.66 -16.65 1.51
CA VAL A 80 2.00 -16.46 0.22
C VAL A 80 1.32 -17.71 -0.29
N ASP A 81 1.52 -18.85 0.37
CA ASP A 81 1.09 -20.14 -0.15
C ASP A 81 0.40 -20.99 0.93
N ASP A 82 -0.34 -20.35 1.84
CA ASP A 82 -1.05 -21.08 2.88
C ASP A 82 -2.38 -21.66 2.42
N GLY A 83 -2.75 -21.48 1.15
CA GLY A 83 -4.00 -22.02 0.63
C GLY A 83 -5.18 -21.09 0.76
N THR A 84 -5.07 -20.03 1.56
CA THR A 84 -6.12 -19.03 1.67
C THR A 84 -5.85 -17.94 0.64
N THR A 85 -6.78 -17.00 0.52
CA THR A 85 -6.54 -15.79 -0.24
C THR A 85 -6.42 -14.62 0.71
N HIS A 86 -5.26 -13.99 0.74
CA HIS A 86 -5.07 -12.74 1.46
C HIS A 86 -5.42 -11.60 0.52
N THR A 87 -6.37 -10.75 0.92
CA THR A 87 -6.90 -9.72 0.05
C THR A 87 -6.87 -8.35 0.72
N ALA A 88 -6.33 -7.38 -0.01
CA ALA A 88 -6.39 -5.98 0.38
C ALA A 88 -7.21 -5.25 -0.68
N THR A 89 -8.22 -4.54 -0.23
N THR A 89 -8.21 -4.47 -0.24
CA THR A 89 -9.05 -3.73 -1.11
CA THR A 89 -9.13 -3.78 -1.14
C THR A 89 -8.92 -2.28 -0.69
C THR A 89 -9.24 -2.32 -0.72
N SER A 90 -9.05 -1.40 -1.66
CA SER A 90 -9.05 0.02 -1.36
C SER A 90 -9.79 0.78 -2.44
N SER A 91 -10.15 2.00 -2.09
CA SER A 91 -10.61 3.00 -3.03
C SER A 91 -9.84 4.27 -2.68
N ILE A 92 -9.05 4.78 -3.63
CA ILE A 92 -8.05 5.80 -3.34
C ILE A 92 -8.24 6.97 -4.28
N VAL A 93 -8.24 8.18 -3.73
CA VAL A 93 -8.10 9.39 -4.52
C VAL A 93 -6.66 9.83 -4.38
N VAL A 94 -5.94 9.77 -5.50
CA VAL A 94 -4.57 10.27 -5.57
C VAL A 94 -4.67 11.65 -6.19
N PRO A 95 -4.54 12.72 -5.40
CA PRO A 95 -4.59 14.07 -5.99
CA PRO A 95 -4.59 14.07 -5.99
C PRO A 95 -3.31 14.35 -6.77
N GLU A 96 -3.34 15.45 -7.51
CA GLU A 96 -2.10 15.93 -8.11
C GLU A 96 -1.09 16.17 -6.99
N GLN A 97 0.11 15.64 -7.16
CA GLN A 97 1.12 15.76 -6.11
C GLN A 97 1.94 17.02 -6.31
N VAL A 98 2.35 17.63 -5.19
CA VAL A 98 3.07 18.89 -5.25
C VAL A 98 4.47 18.69 -5.83
N ASP A 99 5.02 19.78 -6.36
CA ASP A 99 6.35 19.72 -6.94
C ASP A 99 7.33 19.22 -5.89
N GLY A 100 8.22 18.33 -6.31
CA GLY A 100 9.17 17.73 -5.42
C GLY A 100 8.81 16.32 -5.00
N VAL A 101 7.53 15.97 -5.05
CA VAL A 101 7.09 14.60 -4.82
C VAL A 101 7.15 13.86 -6.15
N GLU A 102 7.87 12.73 -6.16
CA GLU A 102 8.16 12.00 -7.38
CA GLU A 102 8.16 11.99 -7.38
C GLU A 102 7.57 10.59 -7.41
N GLU A 103 7.41 9.93 -6.26
CA GLU A 103 6.84 8.60 -6.21
C GLU A 103 6.29 8.42 -4.81
N VAL A 104 5.07 7.90 -4.72
CA VAL A 104 4.44 7.68 -3.42
C VAL A 104 3.85 6.27 -3.40
N THR A 105 4.36 5.45 -2.50
CA THR A 105 3.85 4.11 -2.32
C THR A 105 2.58 4.18 -1.48
N ILE A 106 1.51 3.57 -1.99
CA ILE A 106 0.19 3.67 -1.40
C ILE A 106 -0.36 2.36 -0.88
N MET A 107 0.12 1.21 -1.39
CA MET A 107 -0.21 -0.10 -0.82
C MET A 107 1.03 -0.97 -0.96
N GLN A 108 1.22 -1.88 -0.01
CA GLN A 108 2.32 -2.82 -0.10
C GLN A 108 1.92 -4.20 0.44
N ILE A 109 2.68 -5.20 -0.03
CA ILE A 109 2.92 -6.45 0.68
C ILE A 109 4.38 -6.43 1.07
N HIS A 110 4.66 -6.64 2.35
CA HIS A 110 6.03 -6.56 2.84
C HIS A 110 6.25 -7.72 3.79
N SER A 111 7.52 -8.08 3.98
CA SER A 111 7.84 -9.18 4.89
C SER A 111 8.95 -8.74 5.83
N GLY A 112 9.55 -9.69 6.54
CA GLY A 112 10.65 -9.34 7.41
C GLY A 112 11.81 -8.73 6.66
N GLU A 113 11.96 -9.06 5.37
CA GLU A 113 13.16 -8.70 4.63
C GLU A 113 12.97 -7.66 3.54
N ALA A 114 11.81 -7.60 2.88
CA ALA A 114 11.69 -6.75 1.70
C ALA A 114 10.23 -6.59 1.30
N PRO A 115 9.91 -5.63 0.42
CA PRO A 115 8.56 -5.52 -0.13
C PRO A 115 8.36 -6.47 -1.30
N GLN A 116 7.43 -7.40 -1.12
CA GLN A 116 7.02 -8.25 -2.24
C GLN A 116 6.32 -7.42 -3.31
N LEU A 117 5.54 -6.43 -2.90
CA LEU A 117 4.76 -5.61 -3.81
C LEU A 117 4.68 -4.20 -3.28
N ARG A 118 4.89 -3.23 -4.16
CA ARG A 118 4.49 -1.85 -3.93
C ARG A 118 3.58 -1.41 -5.06
N ILE A 119 2.44 -0.82 -4.71
CA ILE A 119 1.64 -0.05 -5.63
C ILE A 119 1.99 1.40 -5.34
N SER A 120 2.43 2.14 -6.34
CA SER A 120 2.84 3.52 -6.12
CA SER A 120 2.85 3.53 -6.12
C SER A 120 2.35 4.42 -7.24
N TRP A 121 2.07 5.67 -6.88
CA TRP A 121 1.97 6.72 -7.88
C TRP A 121 3.39 7.15 -8.24
N ILE A 122 3.63 7.41 -9.50
CA ILE A 122 4.93 7.91 -9.93
C ILE A 122 4.76 8.97 -11.00
N ARG A 123 5.59 10.00 -10.93
CA ARG A 123 5.43 11.17 -11.79
C ARG A 123 5.82 10.86 -13.22
N SER A 124 6.96 10.19 -13.42
CA SER A 124 7.47 9.90 -14.76
CA SER A 124 7.48 9.90 -14.75
C SER A 124 8.38 8.68 -14.68
N LYS A 125 8.23 7.77 -15.64
CA LYS A 125 8.99 6.54 -15.58
CA LYS A 125 8.99 6.53 -15.58
C LYS A 125 8.94 5.83 -16.93
N SER A 126 10.09 5.31 -17.36
CA SER A 126 10.12 4.41 -18.51
C SER A 126 10.05 2.97 -18.03
N LEU A 127 9.15 2.20 -18.63
CA LEU A 127 8.98 0.79 -18.32
C LEU A 127 9.07 0.01 -19.62
N ASP A 128 10.00 -0.93 -19.69
CA ASP A 128 10.14 -1.78 -20.88
CA ASP A 128 10.14 -1.78 -20.88
C ASP A 128 10.23 -0.95 -22.15
N GLY A 129 10.99 0.15 -22.11
CA GLY A 129 11.21 0.97 -23.29
C GLY A 129 10.11 1.94 -23.64
N VAL A 130 9.12 2.10 -22.75
CA VAL A 130 7.95 2.94 -23.00
C VAL A 130 7.83 3.97 -21.88
N ALA A 131 7.72 5.25 -22.23
CA ALA A 131 7.58 6.30 -21.23
C ALA A 131 6.13 6.42 -20.78
N TYR A 132 5.95 6.56 -19.48
CA TYR A 132 4.66 6.82 -18.87
C TYR A 132 4.77 8.02 -17.93
N GLU A 133 3.66 8.74 -17.76
CA GLU A 133 3.61 9.93 -16.93
C GLU A 133 2.40 9.86 -16.00
N ASP A 134 2.57 10.32 -14.77
CA ASP A 134 1.47 10.57 -13.84
C ASP A 134 0.56 9.34 -13.73
N PHE A 135 1.12 8.26 -13.20
CA PHE A 135 0.45 6.97 -13.30
C PHE A 135 0.67 6.15 -12.03
N ILE A 136 -0.10 5.07 -11.96
CA ILE A 136 -0.02 4.12 -10.85
C ILE A 136 0.70 2.87 -11.37
N MET A 137 1.68 2.41 -10.61
CA MET A 137 2.59 1.37 -11.01
C MET A 137 2.58 0.28 -9.95
N SER A 138 2.80 -0.97 -10.37
CA SER A 138 3.11 -2.05 -9.45
CA SER A 138 3.10 -2.06 -9.46
C SER A 138 4.57 -2.44 -9.62
N THR A 139 5.24 -2.67 -8.50
CA THR A 139 6.61 -3.17 -8.47
C THR A 139 6.59 -4.43 -7.62
N VAL A 140 6.87 -5.57 -8.26
CA VAL A 140 6.90 -6.87 -7.59
C VAL A 140 8.35 -7.32 -7.51
N ARG A 141 8.79 -7.72 -6.32
CA ARG A 141 10.11 -8.32 -6.19
C ARG A 141 10.03 -9.82 -6.44
N ILE A 142 10.85 -10.28 -7.38
CA ILE A 142 11.09 -11.69 -7.64
C ILE A 142 12.50 -12.08 -7.24
N GLY A 143 13.22 -11.19 -6.54
CA GLY A 143 14.54 -11.43 -6.03
C GLY A 143 14.82 -10.36 -5.00
N THR A 144 15.97 -10.48 -4.33
CA THR A 144 16.35 -9.54 -3.29
C THR A 144 17.41 -8.53 -3.72
N GLY A 145 17.93 -8.64 -4.96
CA GLY A 145 18.95 -7.72 -5.44
C GLY A 145 18.38 -6.42 -5.98
N ASP A 146 19.27 -5.59 -6.54
CA ASP A 146 18.89 -4.25 -6.99
C ASP A 146 18.80 -4.10 -8.51
N SER A 147 19.33 -5.05 -9.27
CA SER A 147 19.27 -4.93 -10.73
C SER A 147 17.88 -5.25 -11.25
N SER A 148 17.66 -4.90 -12.52
CA SER A 148 16.33 -4.93 -13.12
CA SER A 148 16.33 -4.92 -13.11
C SER A 148 15.66 -6.28 -12.97
N ASP A 149 16.42 -7.36 -13.08
CA ASP A 149 15.80 -8.69 -13.10
C ASP A 149 15.25 -9.12 -11.75
N ASN A 150 15.41 -8.32 -10.70
CA ASN A 150 14.78 -8.60 -9.42
C ASN A 150 13.37 -8.07 -9.33
N PHE A 151 12.89 -7.39 -10.35
CA PHE A 151 11.60 -6.71 -10.29
C PHE A 151 10.76 -7.02 -11.51
N VAL A 152 9.45 -7.00 -11.32
CA VAL A 152 8.50 -6.91 -12.42
C VAL A 152 7.70 -5.64 -12.15
N LYS A 153 7.82 -4.66 -13.04
CA LYS A 153 7.18 -3.37 -12.89
C LYS A 153 6.14 -3.20 -13.99
N THR A 154 4.95 -2.71 -13.63
CA THR A 154 3.82 -2.67 -14.55
C THR A 154 3.07 -1.37 -14.39
N HIS A 155 2.67 -0.79 -15.52
CA HIS A 155 1.73 0.32 -15.54
C HIS A 155 0.33 -0.21 -15.22
N LEU A 156 -0.23 0.20 -14.09
CA LEU A 156 -1.56 -0.26 -13.70
C LEU A 156 -2.67 0.60 -14.27
N ALA A 157 -2.46 1.92 -14.32
CA ALA A 157 -3.46 2.86 -14.79
C ALA A 157 -2.86 4.25 -14.77
N ASP A 158 -3.29 5.14 -15.65
CA ASP A 158 -3.00 6.55 -15.46
C ASP A 158 -3.75 7.06 -14.25
N ARG A 159 -3.16 8.02 -13.54
CA ARG A 159 -3.83 8.57 -12.37
C ARG A 159 -5.11 9.26 -12.81
N THR A 160 -6.17 9.06 -12.05
CA THR A 160 -7.43 9.71 -12.31
C THR A 160 -7.75 10.73 -11.23
N ALA A 161 -8.56 11.71 -11.61
CA ALA A 161 -9.06 12.66 -10.62
C ALA A 161 -9.93 11.95 -9.60
N GLY A 162 -10.78 11.06 -10.04
CA GLY A 162 -11.70 10.40 -9.15
C GLY A 162 -11.09 9.19 -8.47
N ALA A 163 -11.85 8.65 -7.53
CA ALA A 163 -11.42 7.48 -6.80
C ALA A 163 -11.11 6.32 -7.74
N MET A 164 -10.08 5.57 -7.40
CA MET A 164 -9.63 4.40 -8.15
C MET A 164 -9.60 3.24 -7.17
N SER A 165 -10.25 2.15 -7.54
CA SER A 165 -10.27 0.99 -6.67
C SER A 165 -9.15 0.04 -7.01
N PHE A 166 -8.64 -0.61 -5.98
CA PHE A 166 -7.63 -1.63 -6.11
C PHE A 166 -8.04 -2.86 -5.32
N GLN A 167 -7.73 -4.02 -5.86
CA GLN A 167 -7.80 -5.26 -5.09
C GLN A 167 -6.51 -6.03 -5.33
N ILE A 168 -5.85 -6.39 -4.24
CA ILE A 168 -4.64 -7.19 -4.24
C ILE A 168 -5.02 -8.54 -3.67
N ASP A 169 -4.84 -9.61 -4.44
CA ASP A 169 -5.14 -10.96 -3.99
C ASP A 169 -3.86 -11.78 -4.05
N VAL A 170 -3.58 -12.48 -2.96
CA VAL A 170 -2.47 -13.43 -2.90
C VAL A 170 -3.06 -14.79 -2.57
N LYS A 171 -2.85 -15.76 -3.45
CA LYS A 171 -3.30 -17.13 -3.21
C LYS A 171 -2.33 -18.08 -3.90
N ASP A 172 -1.85 -19.08 -3.16
CA ASP A 172 -1.07 -20.16 -3.76
C ASP A 172 0.12 -19.62 -4.55
N SER A 173 0.82 -18.67 -3.94
CA SER A 173 2.03 -18.07 -4.48
CA SER A 173 2.04 -18.06 -4.48
C SER A 173 1.79 -17.33 -5.79
N LYS A 174 0.58 -16.82 -5.99
CA LYS A 174 0.25 -16.00 -7.16
CA LYS A 174 0.25 -16.00 -7.16
C LYS A 174 -0.42 -14.71 -6.71
N LEU A 175 -0.06 -13.63 -7.38
CA LEU A 175 -0.58 -12.29 -7.10
C LEU A 175 -1.47 -11.85 -8.23
N THR A 176 -2.65 -11.33 -7.89
CA THR A 176 -3.53 -10.68 -8.85
C THR A 176 -3.84 -9.27 -8.38
N ILE A 177 -3.78 -8.32 -9.29
CA ILE A 177 -4.12 -6.93 -9.01
C ILE A 177 -5.24 -6.51 -9.95
N THR A 178 -6.35 -6.07 -9.36
N THR A 178 -6.30 -5.96 -9.36
CA THR A 178 -7.48 -5.52 -10.06
CA THR A 178 -7.49 -5.53 -10.07
C THR A 178 -7.51 -4.02 -9.83
C THR A 178 -7.72 -4.05 -9.80
N VAL A 179 -7.87 -3.27 -10.87
CA VAL A 179 -7.99 -1.82 -10.80
C VAL A 179 -9.32 -1.44 -11.41
N ASN A 180 -10.15 -0.72 -10.65
CA ASN A 180 -11.48 -0.33 -11.11
C ASN A 180 -12.27 -1.51 -11.68
N GLY A 181 -12.12 -2.67 -11.06
CA GLY A 181 -12.84 -3.85 -11.46
C GLY A 181 -12.23 -4.65 -12.58
N ASN A 182 -11.11 -4.22 -13.16
CA ASN A 182 -10.47 -4.91 -14.27
C ASN A 182 -9.17 -5.54 -13.80
N VAL A 183 -8.99 -6.83 -14.09
CA VAL A 183 -7.73 -7.48 -13.75
C VAL A 183 -6.63 -6.94 -14.65
N VAL A 184 -5.58 -6.40 -14.03
N VAL A 184 -5.61 -6.36 -14.02
CA VAL A 184 -4.46 -5.83 -14.74
CA VAL A 184 -4.45 -5.84 -14.74
C VAL A 184 -3.19 -6.65 -14.59
C VAL A 184 -3.30 -6.83 -14.66
N VAL A 185 -2.99 -7.30 -13.45
CA VAL A 185 -1.93 -8.28 -13.23
C VAL A 185 -2.60 -9.57 -12.84
N ASN A 186 -2.41 -10.62 -13.63
CA ASN A 186 -3.08 -11.90 -13.42
CA ASN A 186 -3.08 -11.89 -13.41
C ASN A 186 -2.03 -12.95 -13.12
N GLY A 187 -2.01 -13.41 -11.88
CA GLY A 187 -1.17 -14.54 -11.54
C GLY A 187 0.32 -14.32 -11.62
N GLN A 188 0.79 -13.15 -11.21
CA GLN A 188 2.23 -12.94 -11.07
C GLN A 188 2.79 -13.92 -10.04
N ASP A 189 3.90 -14.56 -10.39
CA ASP A 189 4.50 -15.57 -9.52
CA ASP A 189 4.50 -15.57 -9.51
C ASP A 189 5.15 -14.91 -8.30
N LEU A 190 4.86 -15.47 -7.12
CA LEU A 190 5.47 -15.07 -5.85
C LEU A 190 6.28 -16.21 -5.25
N SER A 191 6.58 -17.24 -6.04
N SER A 191 6.59 -17.23 -6.06
CA SER A 191 7.21 -18.44 -5.49
CA SER A 191 7.23 -18.44 -5.54
C SER A 191 8.61 -18.18 -4.94
C SER A 191 8.59 -18.15 -4.92
N PHE A 192 9.27 -17.09 -5.34
CA PHE A 192 10.54 -16.75 -4.72
C PHE A 192 10.40 -16.65 -3.20
N TRP A 193 9.20 -16.27 -2.73
CA TRP A 193 8.94 -16.01 -1.33
C TRP A 193 8.41 -17.24 -0.59
N ASP A 194 8.38 -18.40 -1.25
CA ASP A 194 7.94 -19.61 -0.57
C ASP A 194 8.87 -19.91 0.59
N GLY A 195 8.28 -20.25 1.74
CA GLY A 195 9.01 -20.46 2.96
C GLY A 195 8.99 -19.27 3.90
N THR A 196 8.64 -18.08 3.41
CA THR A 196 8.51 -16.87 4.23
C THR A 196 7.15 -16.89 4.91
N ASP A 197 7.12 -16.59 6.20
CA ASP A 197 5.87 -16.58 6.97
CA ASP A 197 5.87 -16.57 6.96
C ASP A 197 5.65 -15.22 7.65
N SER A 198 6.25 -14.17 7.11
CA SER A 198 6.26 -12.87 7.77
C SER A 198 5.63 -11.79 6.91
N CYS A 199 4.87 -12.16 5.89
CA CYS A 199 4.28 -11.14 5.02
C CYS A 199 3.12 -10.44 5.71
N TYR A 200 2.88 -9.20 5.30
CA TYR A 200 1.79 -8.41 5.84
C TYR A 200 1.46 -7.30 4.84
N PHE A 201 0.28 -6.74 4.98
CA PHE A 201 -0.13 -5.62 4.14
C PHE A 201 0.26 -4.29 4.80
N LYS A 202 0.47 -3.28 3.96
CA LYS A 202 0.62 -1.89 4.39
C LYS A 202 -0.19 -1.02 3.44
N ALA A 203 -0.57 0.17 3.91
CA ALA A 203 -1.19 1.16 3.03
C ALA A 203 -1.08 2.53 3.65
N GLY A 204 -1.04 3.54 2.79
CA GLY A 204 -0.99 4.92 3.24
C GLY A 204 -0.17 5.74 2.27
N ALA A 205 0.88 6.35 2.78
CA ALA A 205 1.79 7.14 1.95
C ALA A 205 3.21 6.91 2.43
N PHE A 206 4.05 6.42 1.53
CA PHE A 206 5.47 6.21 1.81
C PHE A 206 6.20 6.91 0.67
N ASN A 207 7.02 7.91 1.00
N ASN A 207 7.01 7.90 1.01
CA ASN A 207 7.52 8.87 0.04
CA ASN A 207 7.52 8.87 0.05
C ASN A 207 8.88 8.42 -0.50
C ASN A 207 8.88 8.40 -0.50
N ASN A 208 8.95 8.19 -1.82
CA ASN A 208 10.12 7.59 -2.44
C ASN A 208 10.83 8.58 -3.35
N ASN A 209 12.12 8.77 -3.11
CA ASN A 209 12.99 9.57 -3.99
C ASN A 209 12.46 10.97 -4.31
N PRO A 210 11.97 11.70 -3.32
CA PRO A 210 11.57 13.08 -3.61
C PRO A 210 12.77 13.94 -3.99
N THR A 211 12.51 14.99 -4.73
CA THR A 211 13.60 15.91 -5.07
C THR A 211 13.81 17.00 -4.03
N SER A 212 12.85 17.16 -3.12
CA SER A 212 12.89 18.11 -2.03
C SER A 212 12.47 17.38 -0.76
N GLU A 213 13.18 17.63 0.34
CA GLU A 213 12.83 16.98 1.60
C GLU A 213 11.59 17.57 2.25
N SER A 214 11.16 18.77 1.85
CA SER A 214 10.02 19.41 2.47
C SER A 214 8.71 19.16 1.73
N ALA A 215 8.76 18.65 0.50
CA ALA A 215 7.55 18.48 -0.28
C ALA A 215 6.67 17.36 0.30
N THR A 216 5.39 17.65 0.49
CA THR A 216 4.51 16.75 1.23
C THR A 216 3.60 15.95 0.29
N ALA A 217 3.78 14.63 0.29
CA ALA A 217 2.89 13.71 -0.38
C ALA A 217 1.54 13.67 0.35
N ARG A 218 0.46 13.47 -0.41
CA ARG A 218 -0.88 13.43 0.17
C ARG A 218 -1.73 12.43 -0.59
N ILE A 219 -2.32 11.47 0.14
CA ILE A 219 -3.09 10.38 -0.45
C ILE A 219 -4.36 10.20 0.36
N LYS A 220 -5.50 10.07 -0.31
CA LYS A 220 -6.79 9.93 0.36
C LYS A 220 -7.41 8.56 0.09
N PHE A 221 -7.81 7.86 1.16
CA PHE A 221 -8.50 6.59 1.02
C PHE A 221 -9.99 6.78 1.32
N ALA A 222 -10.84 6.44 0.36
CA ALA A 222 -12.26 6.33 0.61
C ALA A 222 -12.64 5.00 1.24
N ALA A 223 -11.80 3.98 1.09
CA ALA A 223 -12.06 2.66 1.65
C ALA A 223 -10.73 1.93 1.73
N LEU A 224 -10.60 1.07 2.74
CA LEU A 224 -9.45 0.18 2.87
C LEU A 224 -9.87 -0.98 3.73
N ALA A 225 -9.55 -2.20 3.29
CA ALA A 225 -9.82 -3.38 4.10
C ALA A 225 -8.77 -4.44 3.80
N TRP A 226 -8.37 -5.20 4.79
N TRP A 226 -8.51 -5.24 4.80
CA TRP A 226 -7.61 -6.41 4.50
CA TRP A 226 -7.59 -6.36 4.74
C TRP A 226 -8.26 -7.60 5.17
C TRP A 226 -8.35 -7.57 5.26
N VAL A 227 -8.55 -8.61 4.36
N VAL A 227 -8.40 -8.64 4.48
CA VAL A 227 -9.26 -9.81 4.79
CA VAL A 227 -9.27 -9.78 4.77
C VAL A 227 -8.43 -11.01 4.39
C VAL A 227 -8.60 -11.04 4.28
N ASP A 228 -8.65 -12.10 5.10
CA ASP A 228 -8.14 -13.41 4.70
CA ASP A 228 -8.14 -13.42 4.71
C ASP A 228 -9.35 -14.30 4.43
N HIS A 229 -9.45 -14.79 3.20
CA HIS A 229 -10.56 -15.61 2.76
C HIS A 229 -10.12 -17.06 2.77
N HIS A 230 -10.80 -17.88 3.57
CA HIS A 230 -10.51 -19.31 3.63
C HIS A 230 -11.28 -20.04 2.55
N HIS A 231 -10.74 -21.18 2.13
CA HIS A 231 -11.33 -21.95 1.05
C HIS A 231 -11.43 -23.42 1.43
C1 BEM B . 8.69 -1.55 14.01
C2 BEM B . 9.90 -1.12 13.17
O2 BEM B . 10.95 -0.64 14.02
C3 BEM B . 10.45 -2.18 12.27
O3 BEM B . 11.19 -3.15 13.06
C4 BEM B . 9.38 -2.88 11.49
O4 BEM B . 8.78 -2.08 10.48
C5 BEM B . 8.08 -2.93 12.25
O5 BEM B . 8.19 -2.92 13.69
C6 BEM B . 7.13 -3.96 11.73
O6B BEM B . 7.45 -5.06 11.17
O6A BEM B . 5.96 -3.58 11.84
O1 BEM B . 8.89 -1.52 15.34
H1 BEM B . 8.02 -0.86 13.81
H2 BEM B . 9.58 -0.40 12.59
HO2 BEM B . 10.79 0.16 14.26
H3 BEM B . 11.07 -1.75 11.64
HO3 BEM B . 11.84 -3.45 12.62
H4 BEM B . 9.84 -3.68 11.21
H5 BEM B . 7.63 -2.11 12.03
HO1 BEM B . 8.19 -1.81 15.73
C1 BEM B . 9.36 -2.26 9.22
C2 BEM B . 8.42 -1.83 8.14
O2 BEM B . 7.96 -0.48 8.41
C3 BEM B . 9.11 -1.94 6.83
O3 BEM B . 8.25 -1.35 5.83
C4 BEM B . 10.48 -1.29 6.82
O4 BEM B . 11.23 -1.85 5.77
C5 BEM B . 11.32 -1.63 8.05
O5 BEM B . 10.56 -1.43 9.25
C6 BEM B . 12.51 -0.74 8.13
O6B BEM B . 13.65 -1.23 7.95
O6A BEM B . 12.34 0.48 8.39
H1 BEM B . 9.55 -3.20 9.03
H2 BEM B . 7.61 -2.36 8.12
HO2 BEM B . 8.29 0.05 7.83
H3 BEM B . 9.27 -2.87 6.61
HO3 BEM B . 8.69 -0.82 5.35
H4 BEM B . 10.32 -0.34 6.75
H5 BEM B . 11.62 -2.55 7.96
C1 BEM B . 11.48 -1.00 4.69
C2 BEM B . 12.60 -1.49 3.81
O2 BEM B . 12.28 -2.82 3.33
C3 BEM B . 12.78 -0.60 2.63
O3 BEM B . 13.84 -1.12 1.80
C4 BEM B . 11.54 -0.41 1.81
O4 BEM B . 11.81 0.71 0.97
C5 BEM B . 10.38 -0.05 2.76
O5 BEM B . 10.23 -0.95 3.91
C6 BEM B . 9.01 -0.19 2.22
O6B BEM B . 8.78 -0.77 1.13
O6A BEM B . 8.09 0.27 2.96
H1 BEM B . 11.76 -0.13 5.03
H2 BEM B . 13.42 -1.54 4.32
HO2 BEM B . 12.56 -3.39 3.89
H3 BEM B . 13.05 0.28 2.97
HO3 BEM B . 13.75 -0.82 1.00
H4 BEM B . 11.29 -1.18 1.28
H5 BEM B . 10.61 0.87 2.94
C1 BEM B . 11.53 0.54 -0.42
C2 BEM B . 11.82 1.79 -1.20
O2 BEM B . 13.18 2.20 -1.00
C3 BEM B . 11.61 1.57 -2.66
O3 BEM B . 11.95 2.79 -3.37
C4 BEM B . 12.39 0.39 -3.20
O4 BEM B . 11.92 0.10 -4.51
C5 BEM B . 12.06 -0.81 -2.34
O5 BEM B . 12.37 -0.56 -0.94
C6 BEM B . 12.82 -2.02 -2.72
O6B BEM B . 13.96 -2.24 -2.24
O6A BEM B . 12.27 -2.84 -3.51
H1 BEM B . 10.58 0.33 -0.50
H2 BEM B . 11.23 2.50 -0.88
HO2 BEM B . 13.58 1.64 -0.50
H3 BEM B . 10.67 1.38 -2.81
HO3 BEM B . 11.24 3.14 -3.69
H4 BEM B . 13.34 0.60 -3.23
H5 BEM B . 11.12 -0.99 -2.47
C1 BEM B . 12.94 -0.06 -5.47
C2 BEM B . 12.35 -0.53 -6.78
O2 BEM B . 11.29 0.38 -7.16
C3 BEM B . 13.38 -0.53 -7.85
O3 BEM B . 12.74 -0.88 -9.10
C4 BEM B . 14.03 0.81 -7.99
O4 BEM B . 15.11 0.75 -8.92
C5 BEM B . 14.57 1.33 -6.64
O5 BEM B . 13.57 1.26 -5.59
C6 BEM B . 14.95 2.77 -6.71
O6B BEM B . 16.16 3.08 -6.83
O6A BEM B . 14.07 3.68 -6.63
H1 BEM B . 13.57 -0.75 -5.23
H2 BEM B . 11.97 -1.41 -6.67
HO2 BEM B . 11.55 1.19 -7.04
H3 BEM B . 14.05 -1.20 -7.64
HO3 BEM B . 12.21 -1.54 -8.98
H4 BEM B . 13.37 1.44 -8.33
HO4 BEM B . 15.14 -0.03 -9.27
H5 BEM B . 15.34 0.76 -6.45
S SO4 C . -8.46 16.75 -3.45
O1 SO4 C . -7.22 17.35 -3.93
O2 SO4 C . -9.57 17.70 -3.53
O3 SO4 C . -8.78 15.55 -4.19
O4 SO4 C . -8.28 16.41 -2.03
#